data_8QV1
#
_entry.id   8QV1
#
_cell.length_a   90.345
_cell.length_b   90.345
_cell.length_c   56.581
_cell.angle_alpha   90.00
_cell.angle_beta   90.00
_cell.angle_gamma   120.00
#
_symmetry.space_group_name_H-M   'P 6'
#
loop_
_entity.id
_entity.type
_entity.pdbx_description
1 polymer 'Spacer peptide 1'
2 non-polymer 'methyl 2-(2-oxidanylidene-1~{H}-quinolin-4-yl)ethanoate'
3 water water
#
_entity_poly.entity_id   1
_entity_poly.type   'polypeptide(L)'
_entity_poly.pdbx_seq_one_letter_code
;PIVQNLQGQMVHQCISPRTLNAWVKVVEEKAFSPEVIPMFSALSCGATPQDLNTMLNTVGGHQAAMQMLKETINEEAAEW
DRLHPVHAGPIAPGQMREPRGSDIAGTTSTLQEQIGWMTHNPPIPVGEIYKRWIILGLNKIVRMYSPTSILDIRQGPKEP
FRDYVDRFYKTLRAEQASQEVKNAATETLLVQNANPDCKTILKALGPGATLEEMMTACQGVGGPGHKARVL
;
_entity_poly.pdbx_strand_id   A
#
loop_
_chem_comp.id
_chem_comp.type
_chem_comp.name
_chem_comp.formula
X0H non-polymer 'methyl 2-(2-oxidanylidene-1~{H}-quinolin-4-yl)ethanoate' 'C12 H11 N O3'
#
# COMPACT_ATOMS: atom_id res chain seq x y z
N PRO A 1 -18.40 -7.00 0.93
CA PRO A 1 -17.44 -7.67 1.81
C PRO A 1 -18.10 -8.81 2.61
N ILE A 2 -17.32 -9.46 3.45
CA ILE A 2 -17.82 -10.49 4.40
C ILE A 2 -17.79 -9.85 5.78
N VAL A 3 -18.91 -9.87 6.51
CA VAL A 3 -18.91 -9.44 7.94
C VAL A 3 -19.87 -10.28 8.80
N GLN A 4 -19.69 -10.06 10.08
CA GLN A 4 -20.59 -10.69 11.07
C GLN A 4 -21.77 -9.75 11.19
N ASN A 5 -22.97 -10.31 11.36
CA ASN A 5 -24.19 -9.47 11.52
C ASN A 5 -23.98 -8.50 12.69
N GLY A 8 -22.82 -12.53 15.69
CA GLY A 8 -23.59 -13.12 14.58
C GLY A 8 -22.73 -14.02 13.72
N GLN A 9 -23.08 -14.23 12.45
CA GLN A 9 -22.25 -15.21 11.73
C GLN A 9 -21.62 -14.48 10.55
N MET A 10 -20.77 -15.15 9.78
CA MET A 10 -20.00 -14.45 8.71
C MET A 10 -20.83 -14.51 7.41
N VAL A 11 -21.23 -13.35 6.92
CA VAL A 11 -22.16 -13.30 5.76
C VAL A 11 -21.68 -12.25 4.79
N HIS A 12 -22.09 -12.38 3.52
CA HIS A 12 -21.67 -11.45 2.44
C HIS A 12 -22.55 -10.20 2.49
N GLN A 13 -21.95 -9.06 2.23
CA GLN A 13 -22.65 -7.76 2.24
C GLN A 13 -22.25 -7.01 0.97
N CYS A 14 -23.20 -6.33 0.35
CA CYS A 14 -22.94 -5.48 -0.82
C CYS A 14 -21.93 -4.40 -0.43
N ILE A 15 -20.91 -4.20 -1.24
CA ILE A 15 -20.01 -3.03 -1.13
C ILE A 15 -20.88 -1.77 -1.20
N SER A 16 -20.62 -0.79 -0.34
CA SER A 16 -21.52 0.36 -0.19
C SER A 16 -21.14 1.44 -1.21
N PRO A 17 -22.14 2.21 -1.69
CA PRO A 17 -21.88 3.39 -2.53
C PRO A 17 -20.84 4.30 -1.87
N ARG A 18 -20.92 4.43 -0.55
CA ARG A 18 -19.97 5.27 0.23
C ARG A 18 -18.57 4.73 -0.01
N THR A 19 -18.33 3.43 0.21
CA THR A 19 -16.99 2.83 0.00
C THR A 19 -16.55 3.09 -1.45
N LEU A 20 -17.43 2.84 -2.44
CA LEU A 20 -17.12 2.94 -3.88
C LEU A 20 -16.71 4.38 -4.23
N ASN A 21 -17.52 5.33 -3.76
CA ASN A 21 -17.27 6.76 -3.99
C ASN A 21 -15.97 7.20 -3.28
N ALA A 22 -15.78 6.84 -2.02
CA ALA A 22 -14.56 7.17 -1.24
C ALA A 22 -13.32 6.72 -2.02
N TRP A 23 -13.28 5.48 -2.48
CA TRP A 23 -12.09 4.97 -3.20
C TRP A 23 -11.82 5.81 -4.45
N VAL A 24 -12.86 6.05 -5.25
CA VAL A 24 -12.69 6.73 -6.57
C VAL A 24 -12.19 8.16 -6.31
N LYS A 25 -12.80 8.83 -5.33
CA LYS A 25 -12.42 10.22 -4.92
C LYS A 25 -10.99 10.24 -4.39
N VAL A 26 -10.60 9.33 -3.52
CA VAL A 26 -9.19 9.40 -3.01
C VAL A 26 -8.27 9.29 -4.23
N VAL A 27 -8.57 8.46 -5.22
CA VAL A 27 -7.65 8.25 -6.37
C VAL A 27 -7.64 9.51 -7.25
N GLU A 28 -8.79 10.19 -7.36
CA GLU A 28 -8.96 11.40 -8.20
C GLU A 28 -8.13 12.54 -7.59
N GLU A 29 -8.17 12.62 -6.27
CA GLU A 29 -7.55 13.73 -5.51
C GLU A 29 -6.04 13.47 -5.34
N LYS A 30 -5.62 12.26 -4.97
CA LYS A 30 -4.24 12.00 -4.47
C LYS A 30 -3.41 11.16 -5.44
N ALA A 31 -4.01 10.60 -6.50
CA ALA A 31 -3.32 9.69 -7.45
C ALA A 31 -2.61 8.60 -6.64
N PHE A 32 -1.27 8.49 -6.69
CA PHE A 32 -0.50 7.42 -6.00
C PHE A 32 0.50 8.01 -5.00
N SER A 33 0.10 9.12 -4.37
CA SER A 33 0.74 9.58 -3.12
C SER A 33 0.65 8.39 -2.17
N PRO A 34 1.70 8.11 -1.39
CA PRO A 34 1.74 6.89 -0.59
C PRO A 34 0.60 6.74 0.41
N GLU A 35 -0.02 7.83 0.86
CA GLU A 35 -1.14 7.72 1.85
C GLU A 35 -2.36 7.03 1.22
N VAL A 36 -2.43 6.94 -0.10
CA VAL A 36 -3.58 6.28 -0.82
C VAL A 36 -3.59 4.77 -0.49
N ILE A 37 -2.43 4.18 -0.18
CA ILE A 37 -2.30 2.71 0.02
C ILE A 37 -3.01 2.28 1.30
N PRO A 38 -2.70 2.85 2.47
CA PRO A 38 -3.40 2.45 3.69
C PRO A 38 -4.89 2.82 3.62
N MET A 39 -5.23 3.84 2.83
CA MET A 39 -6.65 4.21 2.59
C MET A 39 -7.29 3.06 1.79
N PHE A 40 -6.63 2.61 0.73
CA PHE A 40 -7.13 1.45 -0.04
C PHE A 40 -7.34 0.27 0.90
N SER A 41 -6.32 -0.02 1.71
CA SER A 41 -6.38 -1.16 2.67
C SER A 41 -7.63 -1.08 3.58
N ALA A 42 -7.90 0.09 4.14
CA ALA A 42 -8.98 0.30 5.13
C ALA A 42 -10.36 0.32 4.44
N LEU A 43 -10.46 0.95 3.27
CA LEU A 43 -11.72 0.90 2.48
C LEU A 43 -12.02 -0.55 2.03
N SER A 44 -10.99 -1.38 1.88
CA SER A 44 -11.15 -2.78 1.40
C SER A 44 -11.21 -3.77 2.59
N CYS A 45 -11.47 -3.28 3.79
CA CYS A 45 -11.67 -4.11 4.99
C CYS A 45 -12.81 -5.12 4.73
N GLY A 46 -12.51 -6.42 4.85
CA GLY A 46 -13.48 -7.51 4.66
C GLY A 46 -13.74 -7.84 3.19
N ALA A 47 -12.98 -7.27 2.25
CA ALA A 47 -13.25 -7.34 0.80
C ALA A 47 -13.07 -8.77 0.31
N THR A 48 -14.02 -9.27 -0.48
CA THR A 48 -13.82 -10.45 -1.35
C THR A 48 -12.90 -10.04 -2.49
N PRO A 49 -12.30 -10.97 -3.23
CA PRO A 49 -11.55 -10.61 -4.42
C PRO A 49 -12.42 -9.82 -5.43
N GLN A 50 -13.70 -10.14 -5.49
CA GLN A 50 -14.68 -9.48 -6.37
C GLN A 50 -14.73 -8.00 -6.00
N ASP A 51 -14.77 -7.73 -4.68
CA ASP A 51 -14.81 -6.32 -4.20
C ASP A 51 -13.49 -5.65 -4.54
N LEU A 52 -12.37 -6.36 -4.43
CA LEU A 52 -11.06 -5.78 -4.76
C LEU A 52 -11.03 -5.44 -6.25
N ASN A 53 -11.49 -6.34 -7.13
CA ASN A 53 -11.58 -6.06 -8.60
C ASN A 53 -12.50 -4.87 -8.80
N THR A 54 -13.63 -4.86 -8.13
CA THR A 54 -14.60 -3.74 -8.25
C THR A 54 -13.89 -2.42 -7.96
N MET A 55 -13.17 -2.32 -6.85
CA MET A 55 -12.55 -1.02 -6.49
C MET A 55 -11.52 -0.65 -7.55
N LEU A 56 -10.67 -1.59 -7.95
CA LEU A 56 -9.63 -1.27 -8.97
C LEU A 56 -10.30 -0.91 -10.31
N ASN A 57 -11.33 -1.66 -10.68
CA ASN A 57 -12.00 -1.47 -11.99
C ASN A 57 -12.72 -0.11 -12.05
N THR A 58 -13.09 0.49 -10.91
CA THR A 58 -13.88 1.74 -10.89
C THR A 58 -12.98 2.95 -11.11
N VAL A 59 -11.67 2.75 -11.05
CA VAL A 59 -10.69 3.82 -11.37
C VAL A 59 -10.73 4.01 -12.88
N GLY A 60 -10.99 5.24 -13.32
CA GLY A 60 -11.06 5.60 -14.74
C GLY A 60 -9.72 6.03 -15.27
N GLY A 61 -8.93 6.76 -14.47
CA GLY A 61 -7.59 7.15 -14.93
C GLY A 61 -6.54 6.07 -14.67
N HIS A 62 -5.28 6.46 -14.80
CA HIS A 62 -4.10 5.70 -14.31
C HIS A 62 -4.05 4.31 -14.92
N GLN A 63 -4.43 4.17 -16.18
CA GLN A 63 -4.51 2.81 -16.77
C GLN A 63 -3.08 2.26 -16.95
N ALA A 64 -2.08 3.11 -17.10
CA ALA A 64 -0.67 2.64 -17.11
C ALA A 64 -0.43 1.86 -15.82
N ALA A 65 -0.72 2.48 -14.67
CA ALA A 65 -0.58 1.89 -13.33
C ALA A 65 -1.40 0.60 -13.23
N MET A 66 -2.67 0.62 -13.65
CA MET A 66 -3.56 -0.57 -13.54
C MET A 66 -2.97 -1.71 -14.39
N GLN A 67 -2.40 -1.39 -15.54
CA GLN A 67 -1.75 -2.47 -16.34
C GLN A 67 -0.52 -2.99 -15.56
N MET A 68 0.31 -2.12 -14.97
CA MET A 68 1.47 -2.60 -14.18
C MET A 68 0.94 -3.50 -13.07
N LEU A 69 -0.22 -3.16 -12.48
CA LEU A 69 -0.74 -3.90 -11.31
C LEU A 69 -1.11 -5.32 -11.70
N LYS A 70 -1.75 -5.49 -12.85
CA LYS A 70 -2.07 -6.80 -13.45
C LYS A 70 -0.80 -7.63 -13.55
N GLU A 71 0.27 -7.02 -14.03
CA GLU A 71 1.57 -7.70 -14.22
C GLU A 71 2.06 -8.18 -12.85
N THR A 72 1.93 -7.36 -11.81
CA THR A 72 2.34 -7.75 -10.44
C THR A 72 1.46 -8.92 -10.01
N ILE A 73 0.15 -8.84 -10.26
CA ILE A 73 -0.84 -9.83 -9.80
C ILE A 73 -0.61 -11.17 -10.53
N ASN A 74 -0.31 -11.16 -11.82
CA ASN A 74 0.04 -12.41 -12.56
C ASN A 74 1.30 -13.06 -11.98
N GLU A 75 2.32 -12.27 -11.67
CA GLU A 75 3.58 -12.77 -11.07
C GLU A 75 3.22 -13.46 -9.74
N GLU A 76 2.47 -12.78 -8.88
CA GLU A 76 2.13 -13.32 -7.53
C GLU A 76 1.30 -14.58 -7.74
N ALA A 77 0.41 -14.54 -8.72
CA ALA A 77 -0.53 -15.64 -9.03
C ALA A 77 0.30 -16.86 -9.44
N ALA A 78 1.30 -16.64 -10.27
CA ALA A 78 2.14 -17.73 -10.81
C ALA A 78 2.92 -18.35 -9.64
N GLU A 79 3.37 -17.53 -8.67
CA GLU A 79 4.12 -18.02 -7.48
C GLU A 79 3.19 -18.76 -6.55
N TRP A 80 1.96 -18.29 -6.37
CA TRP A 80 0.95 -19.09 -5.63
C TRP A 80 0.84 -20.48 -6.26
N ASP A 81 0.67 -20.56 -7.57
CA ASP A 81 0.40 -21.85 -8.26
C ASP A 81 1.64 -22.72 -8.16
N ARG A 82 2.83 -22.12 -8.03
CA ARG A 82 4.07 -22.90 -7.83
C ARG A 82 4.02 -23.49 -6.43
N LEU A 83 3.59 -22.71 -5.45
CA LEU A 83 3.53 -23.15 -4.03
C LEU A 83 2.40 -24.18 -3.86
N HIS A 84 1.18 -23.86 -4.32
CA HIS A 84 -0.06 -24.62 -4.05
C HIS A 84 -0.65 -25.08 -5.38
N PRO A 85 0.03 -26.01 -6.08
CA PRO A 85 -0.57 -26.64 -7.25
C PRO A 85 -1.85 -27.38 -6.84
N VAL A 86 -2.87 -27.33 -7.67
CA VAL A 86 -4.19 -27.98 -7.42
C VAL A 86 -4.31 -29.23 -8.31
N HIS A 87 -5.05 -30.24 -7.86
CA HIS A 87 -5.30 -31.47 -8.63
C HIS A 87 -6.31 -31.14 -9.74
N ALA A 88 -5.94 -31.44 -10.99
CA ALA A 88 -6.66 -31.03 -12.23
C ALA A 88 -7.90 -31.90 -12.46
N GLY A 89 -8.04 -33.03 -11.74
CA GLY A 89 -9.21 -33.91 -11.82
C GLY A 89 -10.52 -33.20 -11.42
N PRO A 90 -11.71 -33.69 -11.85
CA PRO A 90 -12.97 -33.00 -11.60
C PRO A 90 -13.22 -33.02 -10.09
N ILE A 91 -14.10 -32.17 -9.59
CA ILE A 91 -14.17 -31.94 -8.12
C ILE A 91 -15.21 -32.88 -7.50
N ALA A 92 -14.99 -33.22 -6.23
CA ALA A 92 -15.89 -34.03 -5.38
C ALA A 92 -17.23 -33.30 -5.32
N PRO A 93 -18.36 -33.94 -5.73
CA PRO A 93 -19.68 -33.30 -5.65
C PRO A 93 -19.91 -32.64 -4.28
N GLY A 94 -20.36 -31.38 -4.31
CA GLY A 94 -20.76 -30.60 -3.12
C GLY A 94 -19.56 -30.12 -2.32
N GLN A 95 -18.32 -30.45 -2.73
CA GLN A 95 -17.10 -30.15 -1.94
C GLN A 95 -16.37 -28.90 -2.47
N MET A 96 -15.69 -28.20 -1.57
CA MET A 96 -14.81 -27.04 -1.82
C MET A 96 -13.60 -27.47 -2.67
N ARG A 97 -13.45 -26.87 -3.85
CA ARG A 97 -12.23 -27.03 -4.69
C ARG A 97 -11.14 -26.17 -4.07
N GLU A 98 -9.88 -26.46 -4.36
CA GLU A 98 -8.74 -25.63 -3.89
C GLU A 98 -8.59 -24.45 -4.84
N PRO A 99 -8.35 -23.23 -4.30
CA PRO A 99 -8.20 -22.05 -5.14
C PRO A 99 -6.85 -22.05 -5.87
N ARG A 100 -6.84 -21.55 -7.11
CA ARG A 100 -5.65 -21.29 -7.94
C ARG A 100 -5.32 -19.79 -7.88
N GLY A 101 -4.17 -19.39 -8.43
CA GLY A 101 -3.74 -17.98 -8.44
C GLY A 101 -4.87 -17.10 -8.97
N SER A 102 -5.47 -17.48 -10.10
CA SER A 102 -6.53 -16.71 -10.81
C SER A 102 -7.86 -16.79 -10.06
N ASP A 103 -8.04 -17.81 -9.23
CA ASP A 103 -9.21 -17.89 -8.31
C ASP A 103 -9.04 -16.83 -7.21
N ILE A 104 -7.83 -16.65 -6.72
CA ILE A 104 -7.55 -15.62 -5.67
C ILE A 104 -7.71 -14.21 -6.25
N ALA A 105 -7.30 -14.03 -7.50
CA ALA A 105 -7.36 -12.73 -8.22
C ALA A 105 -8.79 -12.47 -8.70
N GLY A 106 -9.69 -13.43 -8.51
CA GLY A 106 -11.13 -13.25 -8.79
C GLY A 106 -11.50 -13.34 -10.25
N THR A 107 -10.60 -13.82 -11.12
CA THR A 107 -10.81 -13.81 -12.58
C THR A 107 -11.48 -15.12 -13.00
N THR A 108 -11.26 -16.21 -12.25
CA THR A 108 -11.75 -17.58 -12.56
C THR A 108 -12.59 -18.14 -11.42
N SER A 109 -12.82 -17.36 -10.36
CA SER A 109 -13.63 -17.76 -9.18
C SER A 109 -14.95 -16.99 -9.23
N THR A 110 -16.02 -17.63 -8.76
CA THR A 110 -17.33 -16.98 -8.50
C THR A 110 -17.32 -16.34 -7.12
N LEU A 111 -18.23 -15.41 -6.89
CA LEU A 111 -18.50 -14.81 -5.57
C LEU A 111 -18.81 -15.92 -4.59
N GLN A 112 -19.64 -16.90 -4.97
CA GLN A 112 -20.05 -18.00 -4.05
C GLN A 112 -18.81 -18.81 -3.64
N GLU A 113 -17.96 -19.19 -4.59
CA GLU A 113 -16.73 -19.91 -4.25
C GLU A 113 -15.89 -19.05 -3.29
N GLN A 114 -15.75 -17.76 -3.62
CA GLN A 114 -14.99 -16.76 -2.81
C GLN A 114 -15.57 -16.73 -1.38
N ILE A 115 -16.88 -16.71 -1.26
CA ILE A 115 -17.57 -16.79 0.06
C ILE A 115 -17.25 -18.14 0.75
N GLY A 116 -17.38 -19.24 0.02
CA GLY A 116 -17.11 -20.59 0.55
C GLY A 116 -15.76 -20.63 1.22
N TRP A 117 -14.73 -20.12 0.53
CA TRP A 117 -13.32 -20.14 0.98
C TRP A 117 -13.19 -19.26 2.23
N MET A 118 -13.67 -18.02 2.12
CA MET A 118 -13.44 -17.01 3.17
C MET A 118 -14.19 -17.40 4.44
N THR A 119 -15.31 -18.15 4.34
CA THR A 119 -16.18 -18.45 5.51
C THR A 119 -15.96 -19.90 5.96
N HIS A 120 -15.07 -20.63 5.29
CA HIS A 120 -14.70 -22.02 5.65
C HIS A 120 -14.13 -22.08 7.07
N ASN A 121 -14.24 -23.23 7.74
CA ASN A 121 -13.59 -23.49 9.06
C ASN A 121 -12.45 -24.48 8.88
N PRO A 122 -11.19 -24.03 8.93
CA PRO A 122 -10.88 -22.60 9.06
C PRO A 122 -10.92 -21.88 7.72
N PRO A 123 -11.02 -20.54 7.70
CA PRO A 123 -11.05 -19.74 6.47
C PRO A 123 -9.85 -19.97 5.54
N ILE A 124 -10.08 -20.04 4.22
CA ILE A 124 -9.04 -19.79 3.20
C ILE A 124 -9.12 -18.32 2.78
N PRO A 125 -8.25 -17.44 3.31
CA PRO A 125 -8.53 -16.01 3.26
C PRO A 125 -8.10 -15.39 1.90
N VAL A 126 -8.85 -15.72 0.84
CA VAL A 126 -8.50 -15.34 -0.55
C VAL A 126 -8.54 -13.83 -0.69
N GLY A 127 -9.47 -13.17 0.00
CA GLY A 127 -9.55 -11.71 0.06
C GLY A 127 -8.23 -11.13 0.56
N GLU A 128 -7.74 -11.62 1.70
CA GLU A 128 -6.53 -11.08 2.36
C GLU A 128 -5.31 -11.43 1.52
N ILE A 129 -5.25 -12.64 0.95
CA ILE A 129 -4.10 -13.05 0.11
C ILE A 129 -4.04 -12.11 -1.10
N TYR A 130 -5.19 -11.83 -1.71
CA TYR A 130 -5.24 -10.99 -2.92
C TYR A 130 -4.87 -9.54 -2.58
N LYS A 131 -5.44 -8.99 -1.52
CA LYS A 131 -5.15 -7.60 -1.10
C LYS A 131 -3.62 -7.42 -0.93
N ARG A 132 -2.96 -8.44 -0.39
N ARG A 132 -2.95 -8.45 -0.41
CA ARG A 132 -1.48 -8.48 -0.19
CA ARG A 132 -1.48 -8.43 -0.19
C ARG A 132 -0.82 -8.28 -1.57
C ARG A 132 -0.80 -8.30 -1.56
N TRP A 133 -1.19 -9.13 -2.53
CA TRP A 133 -0.66 -8.99 -3.91
C TRP A 133 -0.88 -7.57 -4.41
N ILE A 134 -2.10 -7.05 -4.23
CA ILE A 134 -2.50 -5.75 -4.81
C ILE A 134 -1.63 -4.67 -4.18
N ILE A 135 -1.44 -4.71 -2.87
CA ILE A 135 -0.69 -3.65 -2.14
C ILE A 135 0.80 -3.70 -2.57
N LEU A 136 1.32 -4.91 -2.71
CA LEU A 136 2.68 -5.14 -3.24
C LEU A 136 2.77 -4.40 -4.57
N GLY A 137 1.74 -4.53 -5.41
CA GLY A 137 1.72 -3.89 -6.73
C GLY A 137 1.58 -2.40 -6.62
N LEU A 138 0.75 -1.92 -5.70
CA LEU A 138 0.50 -0.47 -5.53
C LEU A 138 1.75 0.23 -5.02
N ASN A 139 2.51 -0.41 -4.14
CA ASN A 139 3.79 0.16 -3.63
C ASN A 139 4.78 0.35 -4.79
N LYS A 140 4.86 -0.61 -5.72
CA LYS A 140 5.75 -0.44 -6.90
C LYS A 140 5.37 0.86 -7.59
N ILE A 141 4.07 1.14 -7.68
CA ILE A 141 3.53 2.29 -8.47
C ILE A 141 3.79 3.59 -7.68
N VAL A 142 3.57 3.58 -6.36
CA VAL A 142 3.95 4.73 -5.49
C VAL A 142 5.41 5.15 -5.83
N ARG A 143 6.31 4.18 -5.86
CA ARG A 143 7.77 4.36 -6.03
C ARG A 143 8.06 4.88 -7.43
N MET A 144 7.52 4.21 -8.43
CA MET A 144 7.57 4.64 -9.85
C MET A 144 7.13 6.11 -9.94
N TYR A 145 6.02 6.45 -9.28
CA TYR A 145 5.34 7.76 -9.45
C TYR A 145 5.97 8.80 -8.51
N SER A 146 6.83 8.38 -7.60
CA SER A 146 7.64 9.28 -6.72
C SER A 146 8.38 10.27 -7.60
N PRO A 147 8.09 11.59 -7.55
CA PRO A 147 8.69 12.50 -8.51
C PRO A 147 10.17 12.85 -8.26
N THR A 148 10.67 12.68 -7.02
CA THR A 148 11.91 13.33 -6.53
C THR A 148 12.77 12.40 -5.65
N SER A 149 14.06 12.34 -5.97
CA SER A 149 15.10 11.64 -5.17
C SER A 149 15.23 12.37 -3.83
N ILE A 150 15.36 11.64 -2.74
CA ILE A 150 15.70 12.24 -1.43
C ILE A 150 16.92 13.17 -1.58
N LEU A 151 17.84 12.85 -2.50
CA LEU A 151 19.11 13.61 -2.72
C LEU A 151 18.81 15.06 -3.12
N ASP A 152 17.66 15.35 -3.72
CA ASP A 152 17.29 16.71 -4.20
C ASP A 152 16.39 17.41 -3.17
N ILE A 153 16.10 16.76 -2.04
CA ILE A 153 15.42 17.45 -0.91
C ILE A 153 16.50 18.13 -0.08
N ARG A 154 16.70 19.43 -0.35
CA ARG A 154 17.65 20.30 0.39
C ARG A 154 16.88 21.50 0.93
N GLN A 155 17.19 21.96 2.15
CA GLN A 155 16.50 23.10 2.79
C GLN A 155 16.87 24.40 2.06
N GLY A 156 15.87 25.17 1.63
CA GLY A 156 16.13 26.49 1.04
C GLY A 156 16.68 27.42 2.10
N PRO A 157 17.49 28.44 1.74
CA PRO A 157 18.08 29.32 2.73
C PRO A 157 17.01 29.99 3.60
N LYS A 158 15.80 30.16 3.06
CA LYS A 158 14.71 30.96 3.66
C LYS A 158 13.56 30.04 4.08
N GLU A 159 13.75 28.73 3.91
CA GLU A 159 12.72 27.72 4.18
C GLU A 159 12.77 27.31 5.64
N PRO A 160 11.62 27.37 6.36
CA PRO A 160 11.57 26.87 7.72
C PRO A 160 11.99 25.39 7.75
N PHE A 161 12.76 25.03 8.77
CA PHE A 161 13.30 23.66 8.94
C PHE A 161 12.12 22.68 8.87
N ARG A 162 11.02 23.00 9.55
CA ARG A 162 9.87 22.07 9.68
C ARG A 162 9.36 21.74 8.27
N ASP A 163 9.30 22.75 7.41
CA ASP A 163 8.79 22.61 6.02
C ASP A 163 9.77 21.70 5.27
N TYR A 164 11.08 21.92 5.48
CA TYR A 164 12.14 21.11 4.85
C TYR A 164 11.97 19.66 5.27
N VAL A 165 11.72 19.41 6.55
CA VAL A 165 11.63 18.03 7.11
C VAL A 165 10.36 17.35 6.58
N ASP A 166 9.24 18.07 6.50
CA ASP A 166 7.99 17.57 5.86
C ASP A 166 8.26 17.09 4.43
N ARG A 167 8.96 17.86 3.58
CA ARG A 167 9.32 17.44 2.19
C ARG A 167 10.22 16.18 2.24
N PHE A 168 11.18 16.17 3.16
CA PHE A 168 12.21 15.12 3.27
C PHE A 168 11.52 13.80 3.58
N TYR A 169 10.69 13.77 4.60
CA TYR A 169 10.09 12.51 5.08
C TYR A 169 8.93 12.14 4.17
N LYS A 170 8.38 13.11 3.43
CA LYS A 170 7.34 12.82 2.42
C LYS A 170 8.02 12.12 1.23
N THR A 171 9.16 12.65 0.80
CA THR A 171 9.96 12.04 -0.28
C THR A 171 10.40 10.64 0.16
N LEU A 172 10.99 10.50 1.34
CA LEU A 172 11.46 9.19 1.86
C LEU A 172 10.31 8.19 1.79
N ARG A 173 9.10 8.61 2.18
CA ARG A 173 7.93 7.70 2.22
C ARG A 173 7.61 7.21 0.80
N ALA A 174 7.58 8.11 -0.19
CA ALA A 174 7.19 7.76 -1.58
C ALA A 174 8.26 6.87 -2.21
N GLU A 175 9.53 7.19 -1.94
CA GLU A 175 10.73 6.41 -2.35
C GLU A 175 10.82 5.11 -1.56
N GLN A 176 9.84 4.78 -0.71
CA GLN A 176 9.68 3.46 -0.02
C GLN A 176 10.90 3.12 0.84
N ALA A 177 11.66 4.10 1.34
CA ALA A 177 12.77 3.86 2.32
C ALA A 177 12.21 3.05 3.50
N SER A 178 12.96 2.02 3.95
CA SER A 178 12.60 1.16 5.13
C SER A 178 12.47 2.03 6.39
N GLN A 179 11.80 1.52 7.43
CA GLN A 179 11.60 2.24 8.72
C GLN A 179 12.96 2.46 9.41
N GLU A 180 13.93 1.58 9.20
CA GLU A 180 15.32 1.73 9.74
C GLU A 180 15.92 3.01 9.17
N VAL A 181 15.95 3.12 7.84
CA VAL A 181 16.63 4.22 7.08
C VAL A 181 15.87 5.53 7.31
N LYS A 182 14.57 5.46 7.63
CA LYS A 182 13.76 6.60 8.15
C LYS A 182 14.23 7.01 9.56
N ASN A 183 14.46 6.03 10.44
CA ASN A 183 15.00 6.24 11.81
C ASN A 183 16.44 6.79 11.74
N ALA A 184 17.22 6.43 10.71
CA ALA A 184 18.69 6.63 10.60
C ALA A 184 19.06 7.91 9.84
N ALA A 185 18.33 8.25 8.77
CA ALA A 185 18.61 9.40 7.89
C ALA A 185 18.61 10.69 8.71
N THR A 186 17.86 10.69 9.82
CA THR A 186 17.85 11.81 10.79
C THR A 186 19.31 12.25 10.95
N GLU A 187 20.14 11.38 11.53
CA GLU A 187 21.53 11.73 11.96
C GLU A 187 22.45 11.89 10.74
N THR A 188 21.99 11.66 9.50
CA THR A 188 22.89 11.69 8.33
C THR A 188 22.38 12.72 7.32
N LEU A 189 21.52 12.27 6.40
CA LEU A 189 21.17 13.03 5.18
C LEU A 189 20.31 14.23 5.57
N LEU A 190 19.45 14.12 6.59
CA LEU A 190 18.59 15.26 7.02
C LEU A 190 19.49 16.45 7.37
N VAL A 191 20.59 16.15 8.07
CA VAL A 191 21.54 17.21 8.52
C VAL A 191 22.31 17.73 7.29
N GLN A 192 22.84 16.82 6.46
CA GLN A 192 23.69 17.20 5.30
C GLN A 192 22.88 18.04 4.33
N ASN A 193 21.57 17.76 4.19
CA ASN A 193 20.65 18.42 3.24
C ASN A 193 20.06 19.70 3.87
N ALA A 194 20.32 19.93 5.16
CA ALA A 194 19.87 21.16 5.87
C ALA A 194 20.68 22.37 5.37
N ASN A 195 20.18 23.58 5.57
CA ASN A 195 20.94 24.78 5.07
C ASN A 195 22.09 25.06 6.04
N PRO A 196 23.05 25.93 5.66
CA PRO A 196 24.28 26.14 6.44
C PRO A 196 24.01 26.56 7.90
N ASP A 197 23.10 27.50 8.06
CA ASP A 197 22.71 28.10 9.35
C ASP A 197 22.24 27.01 10.30
N CYS A 198 21.20 26.27 9.89
N CYS A 198 21.18 26.29 9.89
CA CYS A 198 20.61 25.16 10.65
CA CYS A 198 20.58 25.14 10.62
C CYS A 198 21.64 24.04 10.79
C CYS A 198 21.65 24.05 10.80
N LYS A 199 22.38 23.74 9.73
CA LYS A 199 23.38 22.65 9.73
C LYS A 199 24.41 22.88 10.85
N THR A 200 24.86 24.12 10.98
CA THR A 200 25.79 24.55 12.04
C THR A 200 25.15 24.24 13.40
N ILE A 201 23.89 24.63 13.60
CA ILE A 201 23.18 24.33 14.88
C ILE A 201 23.11 22.82 15.09
N LEU A 202 22.76 22.07 14.06
CA LEU A 202 22.51 20.62 14.19
C LEU A 202 23.81 19.92 14.55
N LYS A 203 24.90 20.24 13.85
CA LYS A 203 26.25 19.66 14.14
C LYS A 203 26.54 19.81 15.64
N ALA A 204 26.29 20.99 16.19
CA ALA A 204 26.62 21.39 17.58
C ALA A 204 25.74 20.64 18.60
N LEU A 205 24.63 20.04 18.17
CA LEU A 205 23.80 19.21 19.07
C LEU A 205 24.57 17.95 19.46
N GLY A 206 25.57 17.56 18.65
CA GLY A 206 26.21 16.24 18.74
C GLY A 206 25.22 15.16 18.33
N PRO A 207 25.62 13.87 18.40
CA PRO A 207 24.78 12.79 17.89
C PRO A 207 23.74 12.41 18.95
N GLY A 208 22.77 11.58 18.57
CA GLY A 208 21.73 11.02 19.46
C GLY A 208 20.57 11.97 19.60
N ALA A 209 20.64 13.13 18.92
CA ALA A 209 19.59 14.17 18.86
C ALA A 209 18.31 13.59 18.24
N THR A 210 17.21 13.56 19.01
CA THR A 210 15.86 13.19 18.51
C THR A 210 15.48 14.17 17.40
N LEU A 211 14.51 13.82 16.57
CA LEU A 211 13.96 14.74 15.54
C LEU A 211 13.34 15.93 16.23
N GLU A 212 12.69 15.69 17.37
CA GLU A 212 12.01 16.74 18.16
C GLU A 212 13.05 17.77 18.61
N GLU A 213 14.23 17.31 19.00
CA GLU A 213 15.32 18.21 19.46
C GLU A 213 15.90 18.99 18.28
N MET A 214 16.04 18.34 17.13
CA MET A 214 16.57 19.00 15.92
C MET A 214 15.59 20.08 15.46
N MET A 215 14.30 19.79 15.51
CA MET A 215 13.27 20.74 15.01
C MET A 215 13.21 21.92 15.98
N THR A 216 13.33 21.62 17.28
CA THR A 216 13.44 22.64 18.35
C THR A 216 14.66 23.53 18.03
N ALA A 217 15.83 22.92 17.86
CA ALA A 217 17.13 23.58 17.68
C ALA A 217 17.11 24.57 16.52
N CYS A 218 16.50 24.20 15.38
N CYS A 218 16.47 24.21 15.40
CA CYS A 218 16.49 25.01 14.12
CA CYS A 218 16.48 25.01 14.14
C CYS A 218 15.18 25.81 13.99
C CYS A 218 15.18 25.83 14.00
N GLN A 219 14.31 25.79 15.01
CA GLN A 219 13.02 26.52 14.97
C GLN A 219 13.34 28.01 14.73
C13 X0H B . -6.58 -3.70 -12.30
C15 X0H B . -6.05 -6.06 -11.89
C01 X0H B . -3.77 -10.02 -13.39
O02 X0H B . -4.97 -10.35 -12.77
C03 X0H B . -6.00 -9.42 -12.97
O04 X0H B . -6.16 -8.92 -14.05
C05 X0H B . -6.87 -9.06 -11.76
C06 X0H B . -7.83 -7.91 -12.11
C07 X0H B . -9.23 -8.25 -12.43
C08 X0H B . -10.22 -7.21 -12.79
O09 X0H B . -11.39 -7.48 -13.04
N10 X0H B . -9.71 -5.84 -12.81
C11 X0H B . -8.28 -5.45 -12.50
C12 X0H B . -7.89 -4.08 -12.57
C14 X0H B . -5.66 -4.71 -11.97
C16 X0H B . -7.36 -6.45 -12.16
#